data_3TYC
#
_entry.id   3TYC
#
_cell.length_a   97.757
_cell.length_b   97.757
_cell.length_c   263.095
_cell.angle_alpha   90.000
_cell.angle_beta   90.000
_cell.angle_gamma   120.000
#
_symmetry.space_group_name_H-M   'P 62 2 2'
#
loop_
_entity.id
_entity.type
_entity.pdbx_description
1 polymer 'Dihydropteroate synthase'
2 non-polymer 2-amino-6-methylidene-6,7-dihydropteridin-4(3H)-one
3 non-polymer 'SULFATE ION'
4 water water
#
_entity_poly.entity_id   1
_entity_poly.type   'polypeptide(L)'
_entity_poly.pdbx_seq_one_letter_code
;MGSSHHHHHHSSGLVPRGSHMKWDYDLRCGEYTLNLNEKTLIMGILNVTPDSFSDGGSYNEVDAAVRHAKEMRDEGAHII
DIGGESTRPGFAKVSVEEEIKRVVPMIQAVSKEVKLPISIDTYKAEVAKQAIEAGAHIINDIWGAKAEPKIAEVAAHYDV
PIILMHNRDNMNYRNLMADMIADLYDSIKIAKDAGVRDENIILDPGIGFAKTPEQNLEAMRNLEQLNVLGYPVLLGTSRK
SFIGHVLDLPVEERLEGTGATVCLGIEKGCEFVRVHDVKEMSRMAKMMDAMIGKGVK
;
_entity_poly.pdbx_strand_id   A,B
#
loop_
_chem_comp.id
_chem_comp.type
_chem_comp.name
_chem_comp.formula
SO4 non-polymer 'SULFATE ION' 'O4 S -2'
XHP non-polymer 2-amino-6-methylidene-6,7-dihydropteridin-4(3H)-one 'C7 H7 N5 O'
#
# COMPACT_ATOMS: atom_id res chain seq x y z
N LYS A 22 23.75 29.11 -19.33
CA LYS A 22 23.71 28.23 -20.53
C LYS A 22 22.28 27.95 -20.99
N TRP A 23 21.41 27.43 -20.13
CA TRP A 23 20.04 27.18 -20.57
C TRP A 23 19.20 28.38 -20.19
N ASP A 24 18.50 28.97 -21.14
CA ASP A 24 17.77 30.20 -20.78
C ASP A 24 16.31 29.93 -20.42
N TYR A 25 16.00 28.66 -20.17
CA TYR A 25 14.66 28.23 -19.78
C TYR A 25 14.73 27.06 -18.83
N ASP A 26 13.76 26.95 -17.94
CA ASP A 26 13.61 25.79 -17.06
C ASP A 26 12.76 24.71 -17.71
N LEU A 27 13.00 23.47 -17.29
CA LEU A 27 12.21 22.38 -17.77
C LEU A 27 10.89 22.44 -17.02
N ARG A 28 9.81 22.68 -17.77
CA ARG A 28 8.47 22.88 -17.21
C ARG A 28 7.72 21.56 -17.23
N CYS A 29 7.42 21.03 -16.04
CA CYS A 29 6.87 19.68 -15.94
C CYS A 29 5.40 19.60 -15.50
N GLY A 30 4.98 20.57 -14.70
CA GLY A 30 3.54 20.81 -14.43
C GLY A 30 3.54 21.52 -13.12
N GLU A 31 3.18 20.83 -12.04
CA GLU A 31 3.44 21.36 -10.72
C GLU A 31 4.93 21.51 -10.41
N TYR A 32 5.78 20.70 -11.04
CA TYR A 32 7.18 20.82 -10.76
C TYR A 32 7.87 21.46 -11.91
N THR A 33 8.91 22.23 -11.59
CA THR A 33 9.80 22.83 -12.55
C THR A 33 11.31 22.51 -12.25
N LEU A 34 12.06 22.10 -13.27
CA LEU A 34 13.44 21.62 -13.08
C LEU A 34 14.46 22.54 -13.70
N ASN A 35 15.31 23.12 -12.86
CA ASN A 35 16.40 23.95 -13.33
C ASN A 35 17.54 23.14 -13.97
N LEU A 36 17.95 23.59 -15.14
CA LEU A 36 19.00 22.91 -15.90
C LEU A 36 20.40 23.48 -15.65
N ASN A 37 20.51 24.61 -14.96
CA ASN A 37 21.82 25.20 -14.73
C ASN A 37 22.37 24.95 -13.34
N GLU A 38 21.50 24.55 -12.43
CA GLU A 38 21.89 24.46 -11.04
C GLU A 38 22.76 23.22 -10.83
N LYS A 39 22.29 22.09 -11.31
CA LYS A 39 22.94 20.88 -10.97
C LYS A 39 22.54 19.80 -11.96
N THR A 40 23.37 18.76 -12.03
CA THR A 40 23.00 17.57 -12.74
C THR A 40 21.85 16.88 -12.06
N LEU A 41 20.78 16.65 -12.83
CA LEU A 41 19.51 16.18 -12.29
C LEU A 41 19.47 14.65 -12.33
N ILE A 42 19.04 14.04 -11.23
CA ILE A 42 19.15 12.60 -11.03
C ILE A 42 17.81 11.94 -11.32
N MET A 43 17.82 10.98 -12.25
CA MET A 43 16.62 10.22 -12.54
C MET A 43 16.71 8.86 -11.94
N GLY A 44 15.84 8.57 -10.95
CA GLY A 44 15.81 7.27 -10.21
C GLY A 44 15.06 6.19 -10.98
N ILE A 45 15.64 5.00 -11.13
CA ILE A 45 14.93 3.95 -11.87
C ILE A 45 14.09 3.12 -10.94
N LEU A 46 12.77 3.10 -11.18
CA LEU A 46 11.84 2.41 -10.28
C LEU A 46 11.78 0.90 -10.53
N ASN A 47 11.92 0.12 -9.46
CA ASN A 47 11.67 -1.34 -9.47
C ASN A 47 10.25 -1.68 -9.93
N VAL A 48 10.12 -2.69 -10.80
CA VAL A 48 8.79 -3.10 -11.31
C VAL A 48 8.51 -4.60 -11.09
N THR A 49 8.97 -5.17 -9.96
CA THR A 49 8.75 -6.61 -9.66
C THR A 49 7.24 -6.89 -9.58
N PRO A 50 6.68 -7.51 -10.65
CA PRO A 50 5.21 -7.56 -10.75
C PRO A 50 4.63 -8.69 -9.91
N ASP A 51 3.33 -8.61 -9.64
CA ASP A 51 2.60 -9.67 -8.93
C ASP A 51 2.21 -10.78 -9.88
N SER A 52 2.76 -11.97 -9.64
CA SER A 52 2.50 -13.12 -10.47
C SER A 52 1.03 -13.56 -10.39
N PHE A 53 0.27 -12.91 -9.50
CA PHE A 53 -1.10 -13.33 -9.19
C PHE A 53 -2.23 -12.45 -9.74
N SER A 54 -1.92 -11.19 -10.06
CA SER A 54 -2.94 -10.25 -10.56
C SER A 54 -2.61 -9.69 -11.95
N ASP A 55 -3.59 -9.02 -12.56
CA ASP A 55 -3.39 -8.33 -13.85
C ASP A 55 -2.63 -7.02 -13.64
N GLY A 56 -2.48 -6.63 -12.37
CA GLY A 56 -1.85 -5.37 -11.97
C GLY A 56 -2.72 -4.55 -11.01
N GLY A 57 -2.07 -3.80 -10.12
CA GLY A 57 -2.81 -2.94 -9.19
C GLY A 57 -2.75 -3.38 -7.72
N SER A 58 -2.26 -4.61 -7.52
CA SER A 58 -2.20 -5.24 -6.20
C SER A 58 -1.41 -4.43 -5.18
N TYR A 59 -1.69 -4.66 -3.90
CA TYR A 59 -1.07 -3.91 -2.81
C TYR A 59 0.44 -4.12 -2.67
N ASN A 60 0.89 -5.36 -2.79
CA ASN A 60 2.31 -5.67 -2.62
C ASN A 60 3.17 -5.03 -3.72
N GLU A 61 2.60 -4.98 -4.92
CA GLU A 61 3.25 -4.43 -6.12
C GLU A 61 3.34 -2.89 -6.02
N VAL A 62 2.20 -2.24 -5.74
CA VAL A 62 2.15 -0.78 -5.65
C VAL A 62 2.85 -0.22 -4.41
N ASP A 63 2.84 -0.95 -3.31
CA ASP A 63 3.46 -0.49 -2.06
C ASP A 63 4.99 -0.61 -2.11
N ALA A 64 5.48 -1.67 -2.73
CA ALA A 64 6.91 -1.78 -2.99
C ALA A 64 7.33 -0.62 -3.93
N ALA A 65 6.52 -0.36 -4.94
CA ALA A 65 6.78 0.77 -5.84
C ALA A 65 6.83 2.11 -5.10
N VAL A 66 5.80 2.43 -4.32
CA VAL A 66 5.79 3.67 -3.55
C VAL A 66 6.99 3.69 -2.60
N ARG A 67 7.32 2.54 -2.05
CA ARG A 67 8.37 2.48 -1.04
C ARG A 67 9.72 2.83 -1.71
N HIS A 68 9.94 2.27 -2.89
CA HIS A 68 11.15 2.52 -3.60
C HIS A 68 11.29 3.99 -4.00
N ALA A 69 10.20 4.59 -4.44
CA ALA A 69 10.21 5.99 -4.81
C ALA A 69 10.60 6.89 -3.66
N LYS A 70 10.13 6.55 -2.47
CA LYS A 70 10.33 7.38 -1.29
C LYS A 70 11.79 7.33 -0.90
N GLU A 71 12.33 6.12 -0.89
CA GLU A 71 13.73 5.91 -0.65
C GLU A 71 14.52 6.77 -1.67
N MET A 72 14.16 6.69 -2.94
CA MET A 72 14.96 7.37 -3.97
C MET A 72 14.90 8.88 -3.82
N ARG A 73 13.71 9.37 -3.49
CA ARG A 73 13.51 10.76 -3.14
C ARG A 73 14.40 11.16 -1.98
N ASP A 74 14.43 10.33 -0.94
CA ASP A 74 15.29 10.60 0.21
C ASP A 74 16.79 10.49 -0.10
N GLU A 75 17.15 9.77 -1.16
CA GLU A 75 18.57 9.61 -1.51
C GLU A 75 19.07 10.69 -2.51
N GLY A 76 18.16 11.58 -2.93
CA GLY A 76 18.47 12.72 -3.77
C GLY A 76 17.98 12.70 -5.22
N ALA A 77 17.10 11.74 -5.55
CA ALA A 77 16.48 11.70 -6.89
C ALA A 77 15.64 12.93 -7.19
N HIS A 78 15.69 13.39 -8.44
CA HIS A 78 14.94 14.59 -8.83
C HIS A 78 13.71 14.26 -9.68
N ILE A 79 13.70 13.02 -10.20
CA ILE A 79 12.65 12.46 -11.06
C ILE A 79 12.60 10.96 -10.76
N ILE A 80 11.37 10.42 -10.82
CA ILE A 80 11.16 8.99 -10.75
C ILE A 80 10.72 8.48 -12.11
N ASP A 81 11.46 7.50 -12.61
CA ASP A 81 11.21 6.84 -13.90
C ASP A 81 10.53 5.45 -13.77
N ILE A 82 9.34 5.34 -14.35
CA ILE A 82 8.46 4.18 -14.12
C ILE A 82 8.17 3.46 -15.42
N GLY A 83 8.63 2.21 -15.51
CA GLY A 83 8.58 1.44 -16.77
C GLY A 83 7.74 0.19 -16.67
N GLY A 84 7.04 -0.15 -17.76
CA GLY A 84 6.21 -1.35 -17.79
C GLY A 84 6.82 -2.56 -18.49
N GLU A 85 8.01 -2.41 -19.08
CA GLU A 85 8.58 -3.43 -19.98
C GLU A 85 9.92 -4.03 -19.50
N VAL A 94 3.57 -9.82 -23.48
CA VAL A 94 3.89 -8.44 -23.14
C VAL A 94 3.06 -7.43 -23.99
N SER A 95 1.76 -7.28 -23.66
CA SER A 95 0.76 -6.60 -24.53
C SER A 95 0.27 -5.21 -24.12
N VAL A 96 -0.15 -4.43 -25.12
CA VAL A 96 -0.57 -3.04 -24.91
C VAL A 96 -1.61 -2.88 -23.82
N GLU A 97 -2.79 -3.46 -24.04
CA GLU A 97 -3.93 -3.29 -23.15
C GLU A 97 -3.61 -3.47 -21.63
N GLU A 98 -2.70 -4.40 -21.34
CA GLU A 98 -2.34 -4.71 -19.95
C GLU A 98 -1.11 -3.96 -19.40
N GLU A 99 -0.32 -3.34 -20.29
CA GLU A 99 0.78 -2.47 -19.87
C GLU A 99 0.22 -1.29 -19.07
N ILE A 100 -0.92 -0.76 -19.53
CA ILE A 100 -1.67 0.29 -18.82
C ILE A 100 -2.08 -0.21 -17.43
N LYS A 101 -2.67 -1.40 -17.38
CA LYS A 101 -3.08 -2.02 -16.13
C LYS A 101 -1.96 -2.06 -15.09
N ARG A 102 -0.73 -2.33 -15.55
CA ARG A 102 0.41 -2.49 -14.66
C ARG A 102 0.89 -1.12 -14.18
N VAL A 103 1.08 -0.20 -15.12
CA VAL A 103 1.83 1.01 -14.82
C VAL A 103 0.94 2.16 -14.29
N VAL A 104 -0.29 2.21 -14.76
CA VAL A 104 -1.26 3.24 -14.30
C VAL A 104 -1.47 3.31 -12.77
N PRO A 105 -1.72 2.16 -12.10
CA PRO A 105 -1.87 2.20 -10.63
C PRO A 105 -0.63 2.70 -9.89
N MET A 106 0.55 2.35 -10.41
CA MET A 106 1.82 2.84 -9.84
C MET A 106 2.01 4.37 -9.98
N ILE A 107 1.69 4.93 -11.14
CA ILE A 107 1.81 6.38 -11.30
C ILE A 107 0.87 7.12 -10.31
N GLN A 108 -0.36 6.63 -10.22
CA GLN A 108 -1.38 7.20 -9.30
C GLN A 108 -0.90 7.27 -7.85
N ALA A 109 -0.30 6.19 -7.35
CA ALA A 109 0.17 6.13 -5.99
C ALA A 109 1.45 6.93 -5.71
N VAL A 110 2.40 6.88 -6.63
CA VAL A 110 3.67 7.60 -6.50
C VAL A 110 3.46 9.10 -6.66
N SER A 111 2.66 9.49 -7.64
CA SER A 111 2.38 10.92 -7.82
C SER A 111 1.68 11.53 -6.62
N LYS A 112 0.83 10.73 -5.98
CA LYS A 112 0.11 11.14 -4.77
C LYS A 112 1.06 11.25 -3.60
N GLU A 113 1.89 10.23 -3.42
CA GLU A 113 2.67 10.14 -2.20
C GLU A 113 4.12 10.63 -2.26
N VAL A 114 4.66 10.77 -3.48
CA VAL A 114 5.99 11.33 -3.67
C VAL A 114 5.96 12.60 -4.54
N LYS A 115 6.38 13.71 -3.93
CA LYS A 115 6.41 15.03 -4.58
C LYS A 115 7.66 15.20 -5.47
N LEU A 116 7.64 14.48 -6.60
CA LEU A 116 8.66 14.53 -7.65
C LEU A 116 7.99 14.27 -9.02
N PRO A 117 8.49 14.93 -10.07
CA PRO A 117 7.99 14.64 -11.39
C PRO A 117 8.23 13.18 -11.82
N ILE A 118 7.28 12.64 -12.59
CA ILE A 118 7.35 11.26 -12.98
C ILE A 118 7.44 11.14 -14.46
N SER A 119 8.28 10.21 -14.93
CA SER A 119 8.38 9.95 -16.36
C SER A 119 7.94 8.54 -16.67
N ILE A 120 7.22 8.38 -17.77
CA ILE A 120 6.75 7.08 -18.16
C ILE A 120 7.69 6.51 -19.23
N ASP A 121 8.30 5.38 -18.89
CA ASP A 121 9.19 4.67 -19.77
C ASP A 121 8.38 3.73 -20.67
N THR A 122 7.86 4.30 -21.75
CA THR A 122 7.21 3.53 -22.80
C THR A 122 7.52 4.10 -24.18
N TYR A 123 7.19 3.35 -25.22
CA TYR A 123 7.32 3.82 -26.58
C TYR A 123 5.98 3.74 -27.28
N LYS A 124 4.94 3.40 -26.52
CA LYS A 124 3.59 3.14 -27.04
C LYS A 124 2.66 4.34 -26.80
N ALA A 125 2.00 4.79 -27.87
CA ALA A 125 1.22 6.02 -27.82
C ALA A 125 0.11 5.91 -26.80
N GLU A 126 -0.65 4.82 -26.89
CA GLU A 126 -1.77 4.59 -25.99
C GLU A 126 -1.29 4.60 -24.55
N VAL A 127 -0.19 3.91 -24.31
CA VAL A 127 0.36 3.80 -22.96
C VAL A 127 0.69 5.19 -22.45
N ALA A 128 1.47 5.94 -23.21
CA ALA A 128 1.84 7.28 -22.79
C ALA A 128 0.62 8.17 -22.40
N LYS A 129 -0.37 8.25 -23.27
CA LYS A 129 -1.61 8.97 -22.95
C LYS A 129 -2.08 8.63 -21.55
N GLN A 130 -2.38 7.35 -21.32
CA GLN A 130 -2.83 6.86 -20.02
C GLN A 130 -1.99 7.34 -18.82
N ALA A 131 -0.66 7.32 -18.99
CA ALA A 131 0.26 7.52 -17.87
C ALA A 131 0.31 8.96 -17.40
N ILE A 132 0.28 9.87 -18.37
CA ILE A 132 0.12 11.29 -18.10
C ILE A 132 -1.25 11.56 -17.52
N GLU A 133 -2.26 10.90 -18.09
CA GLU A 133 -3.61 10.90 -17.53
C GLU A 133 -3.54 10.55 -16.05
N ALA A 134 -2.79 9.50 -15.74
CA ALA A 134 -2.67 9.06 -14.38
C ALA A 134 -1.80 9.96 -13.51
N GLY A 135 -1.05 10.89 -14.11
CA GLY A 135 -0.19 11.80 -13.33
C GLY A 135 1.30 11.90 -13.70
N ALA A 136 1.75 11.09 -14.66
CA ALA A 136 3.10 11.25 -15.18
C ALA A 136 3.35 12.60 -15.88
N HIS A 137 4.54 13.16 -15.67
CA HIS A 137 4.90 14.47 -16.19
C HIS A 137 5.82 14.50 -17.42
N ILE A 138 6.51 13.40 -17.69
CA ILE A 138 7.52 13.34 -18.76
C ILE A 138 7.37 12.06 -19.53
N ILE A 139 7.59 12.10 -20.82
CA ILE A 139 7.58 10.87 -21.55
C ILE A 139 9.04 10.44 -21.78
N ASN A 140 9.28 9.12 -21.70
CA ASN A 140 10.59 8.50 -21.93
C ASN A 140 10.52 7.40 -23.02
N ASP A 141 10.76 7.79 -24.27
CA ASP A 141 10.60 6.89 -25.41
C ASP A 141 11.94 6.40 -25.90
N ILE A 142 12.18 5.10 -25.73
CA ILE A 142 13.46 4.44 -26.08
C ILE A 142 13.57 4.24 -27.60
N TRP A 143 12.52 4.64 -28.33
CA TRP A 143 12.55 4.55 -29.79
C TRP A 143 12.46 5.91 -30.43
N GLY A 144 12.48 6.95 -29.60
CA GLY A 144 12.56 8.32 -30.10
C GLY A 144 11.50 8.60 -31.14
N ALA A 145 10.28 8.15 -30.85
CA ALA A 145 9.10 8.45 -31.67
C ALA A 145 9.10 7.71 -32.99
N LYS A 146 10.03 6.76 -33.14
CA LYS A 146 10.10 5.95 -34.35
C LYS A 146 9.19 4.69 -34.30
N ALA A 147 8.94 4.14 -33.12
CA ALA A 147 8.09 2.95 -32.98
C ALA A 147 6.62 3.27 -33.20
N GLU A 148 6.18 4.41 -32.66
CA GLU A 148 4.82 4.87 -32.80
C GLU A 148 4.79 6.39 -32.76
N PRO A 149 4.96 7.02 -33.93
CA PRO A 149 5.04 8.47 -34.07
C PRO A 149 3.88 9.21 -33.41
N LYS A 150 2.72 8.56 -33.35
CA LYS A 150 1.56 9.12 -32.67
C LYS A 150 1.93 9.63 -31.27
N ILE A 151 2.95 9.04 -30.63
CA ILE A 151 3.33 9.42 -29.28
C ILE A 151 3.75 10.86 -29.23
N ALA A 152 4.32 11.33 -30.32
CA ALA A 152 4.77 12.69 -30.41
C ALA A 152 3.56 13.58 -30.33
N GLU A 153 2.50 13.22 -31.05
CA GLU A 153 1.25 13.97 -30.98
C GLU A 153 0.74 14.03 -29.55
N VAL A 154 0.82 12.90 -28.84
CA VAL A 154 0.43 12.89 -27.43
C VAL A 154 1.23 13.88 -26.64
N ALA A 155 2.55 13.90 -26.88
CA ALA A 155 3.43 14.81 -26.17
C ALA A 155 3.05 16.27 -26.39
N ALA A 156 2.89 16.66 -27.65
CA ALA A 156 2.50 18.03 -28.02
C ALA A 156 1.17 18.41 -27.39
N HIS A 157 0.23 17.47 -27.50
CA HIS A 157 -1.13 17.54 -26.95
C HIS A 157 -1.14 17.94 -25.46
N TYR A 158 -0.44 17.19 -24.61
CA TYR A 158 -0.42 17.46 -23.17
C TYR A 158 0.69 18.42 -22.75
N ASP A 159 1.50 18.83 -23.71
CA ASP A 159 2.54 19.82 -23.49
C ASP A 159 3.65 19.38 -22.50
N VAL A 160 3.93 18.09 -22.50
CA VAL A 160 4.94 17.55 -21.62
C VAL A 160 6.31 17.35 -22.27
N PRO A 161 7.38 17.38 -21.46
CA PRO A 161 8.72 17.11 -21.97
C PRO A 161 8.84 15.67 -22.44
N ILE A 162 9.53 15.46 -23.56
CA ILE A 162 9.73 14.10 -24.03
C ILE A 162 11.22 13.80 -24.24
N ILE A 163 11.63 12.61 -23.80
CA ILE A 163 12.97 12.14 -23.98
C ILE A 163 13.03 11.22 -25.20
N LEU A 164 13.89 11.61 -26.14
CA LEU A 164 14.04 10.92 -27.39
C LEU A 164 15.37 10.21 -27.35
N MET A 165 15.32 8.89 -27.26
CA MET A 165 16.53 8.11 -27.12
C MET A 165 16.97 7.67 -28.50
N HIS A 166 18.27 7.57 -28.72
CA HIS A 166 18.73 7.00 -29.95
C HIS A 166 18.55 5.50 -29.93
N ASN A 167 17.97 4.98 -31.01
CA ASN A 167 17.79 3.54 -31.18
C ASN A 167 17.67 3.24 -32.66
N ARG A 168 17.85 1.98 -33.00
CA ARG A 168 17.61 1.49 -34.36
C ARG A 168 17.64 -0.05 -34.34
N ASP A 169 17.06 -0.66 -35.35
CA ASP A 169 16.90 -2.10 -35.32
C ASP A 169 18.11 -2.84 -35.88
N ASN A 170 19.25 -2.16 -35.96
CA ASN A 170 20.45 -2.74 -36.57
C ASN A 170 21.72 -2.09 -36.05
N MET A 171 22.87 -2.64 -36.40
CA MET A 171 24.12 -2.10 -35.92
C MET A 171 25.09 -1.76 -37.05
N ASN A 172 24.56 -1.45 -38.22
CA ASN A 172 25.43 -1.21 -39.36
C ASN A 172 25.77 0.25 -39.54
N TYR A 173 26.66 0.75 -38.68
CA TYR A 173 27.01 2.16 -38.68
C TYR A 173 28.16 2.45 -39.66
N ARG A 174 28.00 3.51 -40.43
CA ARG A 174 29.07 4.05 -41.24
C ARG A 174 29.98 4.85 -40.32
N ASN A 175 29.46 5.91 -39.72
CA ASN A 175 30.19 6.66 -38.70
C ASN A 175 29.31 6.84 -37.44
N LEU A 176 29.59 5.99 -36.43
CA LEU A 176 28.77 5.86 -35.24
C LEU A 176 28.17 7.18 -34.80
N MET A 177 29.02 8.11 -34.39
CA MET A 177 28.59 9.40 -33.88
C MET A 177 27.73 10.23 -34.83
N ALA A 178 28.15 10.24 -36.10
CA ALA A 178 27.48 11.00 -37.13
C ALA A 178 26.16 10.38 -37.46
N ASP A 179 26.09 9.05 -37.37
CA ASP A 179 24.81 8.38 -37.57
C ASP A 179 23.88 8.56 -36.41
N MET A 180 24.41 8.47 -35.19
CA MET A 180 23.58 8.75 -34.03
C MET A 180 22.93 10.12 -34.12
N ILE A 181 23.72 11.12 -34.43
CA ILE A 181 23.21 12.48 -34.60
C ILE A 181 22.18 12.60 -35.73
N ALA A 182 22.40 11.89 -36.83
CA ALA A 182 21.40 11.83 -37.92
C ALA A 182 20.14 11.18 -37.41
N ASP A 183 20.26 9.96 -36.88
CA ASP A 183 19.11 9.23 -36.26
C ASP A 183 18.36 10.05 -35.24
N LEU A 184 19.09 10.77 -34.39
CA LEU A 184 18.47 11.56 -33.36
C LEU A 184 17.68 12.64 -34.04
N TYR A 185 18.31 13.32 -35.00
CA TYR A 185 17.68 14.42 -35.66
C TYR A 185 16.39 13.96 -36.35
N ASP A 186 16.40 12.72 -36.85
CA ASP A 186 15.15 12.14 -37.37
C ASP A 186 14.06 12.06 -36.33
N SER A 187 14.43 11.90 -35.06
CA SER A 187 13.41 11.90 -34.02
C SER A 187 12.90 13.31 -33.77
N ILE A 188 13.81 14.27 -33.76
CA ILE A 188 13.38 15.65 -33.53
C ILE A 188 12.37 16.10 -34.58
N LYS A 189 12.70 15.83 -35.86
CA LYS A 189 11.80 16.17 -36.96
C LYS A 189 10.40 15.59 -36.70
N ILE A 190 10.35 14.33 -36.31
CA ILE A 190 9.10 13.65 -36.07
C ILE A 190 8.33 14.33 -34.94
N ALA A 191 9.07 14.82 -33.96
CA ALA A 191 8.49 15.44 -32.78
C ALA A 191 8.01 16.85 -33.07
N LYS A 192 8.85 17.65 -33.73
CA LYS A 192 8.49 19.03 -34.05
C LYS A 192 7.31 19.10 -35.02
N ASP A 193 7.35 18.20 -35.99
CA ASP A 193 6.27 18.04 -36.94
C ASP A 193 4.97 17.77 -36.26
N ALA A 194 5.00 17.30 -35.03
CA ALA A 194 3.74 17.06 -34.32
C ALA A 194 3.39 18.23 -33.42
N GLY A 195 4.25 19.24 -33.35
CA GLY A 195 4.00 20.40 -32.48
C GLY A 195 4.71 20.46 -31.13
N VAL A 196 5.63 19.52 -30.87
CA VAL A 196 6.46 19.53 -29.67
C VAL A 196 7.40 20.74 -29.69
N ARG A 197 7.38 21.56 -28.64
CA ARG A 197 8.27 22.73 -28.55
C ARG A 197 9.71 22.37 -28.19
N ASP A 198 10.65 23.13 -28.73
CA ASP A 198 12.05 22.85 -28.51
C ASP A 198 12.33 22.63 -27.01
N GLU A 199 11.69 23.47 -26.17
CA GLU A 199 11.89 23.44 -24.73
C GLU A 199 11.36 22.18 -24.05
N ASN A 200 10.49 21.46 -24.73
CA ASN A 200 10.05 20.20 -24.17
C ASN A 200 10.75 19.02 -24.83
N ILE A 201 11.94 19.24 -25.39
CA ILE A 201 12.68 18.14 -26.01
C ILE A 201 14.00 17.84 -25.30
N ILE A 202 14.19 16.56 -25.00
CA ILE A 202 15.41 16.10 -24.38
C ILE A 202 15.98 14.92 -25.20
N LEU A 203 17.31 14.84 -25.35
CA LEU A 203 17.90 13.77 -26.14
C LEU A 203 18.62 12.77 -25.25
N ASP A 204 18.81 11.57 -25.79
CA ASP A 204 19.51 10.52 -25.07
C ASP A 204 20.28 9.72 -26.12
N PRO A 205 21.56 9.46 -25.88
CA PRO A 205 22.43 8.74 -26.84
C PRO A 205 22.07 7.23 -26.91
N GLY A 206 21.21 6.79 -25.99
CA GLY A 206 20.78 5.39 -25.94
C GLY A 206 21.93 4.42 -25.80
N ILE A 207 22.75 4.60 -24.77
CA ILE A 207 23.86 3.67 -24.51
C ILE A 207 23.29 2.28 -24.21
N GLY A 208 23.89 1.26 -24.81
CA GLY A 208 23.46 -0.10 -24.57
C GLY A 208 22.41 -0.56 -25.57
N PHE A 209 21.89 0.38 -26.36
CA PHE A 209 20.95 0.07 -27.42
C PHE A 209 21.61 0.11 -28.79
N ALA A 210 21.40 -0.95 -29.58
CA ALA A 210 21.87 -1.04 -30.96
C ALA A 210 23.36 -0.78 -31.11
N LYS A 211 24.10 -1.02 -30.04
CA LYS A 211 25.52 -0.74 -30.08
C LYS A 211 26.25 -1.90 -29.47
N THR A 212 27.39 -2.21 -30.06
CA THR A 212 28.32 -3.20 -29.54
C THR A 212 28.99 -2.62 -28.31
N PRO A 213 29.64 -3.46 -27.51
CA PRO A 213 30.30 -2.93 -26.34
C PRO A 213 31.28 -1.88 -26.76
N GLU A 214 32.08 -2.13 -27.80
CA GLU A 214 33.08 -1.16 -28.25
CA GLU A 214 33.06 -1.17 -28.29
C GLU A 214 32.41 0.12 -28.76
N GLN A 215 31.26 -0.01 -29.40
CA GLN A 215 30.53 1.19 -29.84
C GLN A 215 29.97 1.99 -28.69
N ASN A 216 29.45 1.31 -27.66
CA ASN A 216 29.09 1.97 -26.39
C ASN A 216 30.22 2.82 -25.78
N LEU A 217 31.46 2.33 -25.80
CA LEU A 217 32.59 3.13 -25.31
C LEU A 217 32.85 4.34 -26.22
N GLU A 218 32.67 4.16 -27.52
CA GLU A 218 32.92 5.22 -28.51
C GLU A 218 31.92 6.37 -28.32
N ALA A 219 30.65 6.02 -28.09
CA ALA A 219 29.64 7.02 -27.87
C ALA A 219 29.97 7.75 -26.59
N MET A 220 30.53 7.03 -25.60
CA MET A 220 30.77 7.67 -24.32
C MET A 220 31.86 8.69 -24.51
N ARG A 221 32.90 8.26 -25.21
CA ARG A 221 34.10 9.05 -25.46
C ARG A 221 33.84 10.30 -26.29
N ASN A 222 32.72 10.31 -27.03
CA ASN A 222 32.42 11.43 -27.92
C ASN A 222 31.06 12.02 -27.64
N LEU A 223 30.57 11.80 -26.43
CA LEU A 223 29.26 12.30 -26.00
C LEU A 223 29.05 13.81 -26.17
N GLU A 224 30.13 14.59 -26.04
CA GLU A 224 29.96 16.06 -26.12
C GLU A 224 29.40 16.52 -27.47
N GLN A 225 29.58 15.70 -28.50
CA GLN A 225 29.04 16.02 -29.86
C GLN A 225 27.53 16.16 -29.91
N LEU A 226 26.82 15.58 -28.95
CA LEU A 226 25.37 15.61 -29.04
C LEU A 226 24.95 17.02 -28.70
N ASN A 227 25.86 17.77 -28.10
CA ASN A 227 25.52 19.12 -27.65
C ASN A 227 25.25 20.10 -28.75
N VAL A 228 25.79 19.84 -29.94
CA VAL A 228 25.66 20.80 -31.02
C VAL A 228 24.19 20.91 -31.45
N LEU A 229 23.40 19.87 -31.18
CA LEU A 229 21.97 19.90 -31.57
C LEU A 229 21.17 20.90 -30.72
N GLY A 230 21.76 21.33 -29.59
CA GLY A 230 21.19 22.38 -28.72
C GLY A 230 20.12 21.91 -27.76
N TYR A 231 20.16 20.63 -27.35
CA TYR A 231 19.10 20.15 -26.44
C TYR A 231 19.74 19.57 -25.21
N PRO A 232 19.05 19.69 -24.07
CA PRO A 232 19.50 19.00 -22.88
C PRO A 232 19.69 17.52 -23.21
N VAL A 233 20.77 16.93 -22.69
CA VAL A 233 21.02 15.51 -22.88
C VAL A 233 20.91 14.70 -21.60
N LEU A 234 20.24 13.55 -21.70
CA LEU A 234 20.11 12.62 -20.56
C LEU A 234 20.86 11.37 -20.90
N LEU A 235 21.70 10.92 -19.97
CA LEU A 235 22.46 9.73 -20.17
C LEU A 235 21.94 8.59 -19.29
N GLY A 236 21.91 7.36 -19.82
CA GLY A 236 21.45 6.19 -19.09
C GLY A 236 22.34 5.00 -19.33
N THR A 237 23.25 4.78 -18.40
CA THR A 237 24.26 3.76 -18.58
C THR A 237 24.24 2.79 -17.37
N SER A 238 23.35 3.05 -16.41
CA SER A 238 23.34 2.37 -15.10
C SER A 238 23.41 0.84 -15.18
N ARG A 239 24.50 0.28 -14.69
CA ARG A 239 24.62 -1.18 -14.54
C ARG A 239 24.57 -1.97 -15.85
N LYS A 240 24.68 -1.30 -16.98
CA LYS A 240 24.57 -1.97 -18.27
C LYS A 240 25.73 -2.93 -18.63
N SER A 241 25.45 -3.83 -19.58
CA SER A 241 26.47 -4.85 -20.00
C SER A 241 27.83 -4.38 -20.45
N PHE A 242 27.94 -3.20 -21.07
CA PHE A 242 29.27 -2.76 -21.51
C PHE A 242 30.20 -2.43 -20.36
N ILE A 243 29.63 -1.97 -19.27
CA ILE A 243 30.37 -1.81 -18.04
C ILE A 243 30.85 -3.16 -17.60
N GLY A 244 29.96 -4.15 -17.73
CA GLY A 244 30.29 -5.55 -17.42
C GLY A 244 31.38 -6.11 -18.32
N HIS A 245 31.32 -5.74 -19.58
CA HIS A 245 32.23 -6.26 -20.55
C HIS A 245 33.61 -5.69 -20.26
N VAL A 246 33.67 -4.48 -19.71
CA VAL A 246 34.97 -3.87 -19.44
C VAL A 246 35.58 -4.42 -18.16
N LEU A 247 34.75 -4.42 -17.11
CA LEU A 247 35.22 -4.80 -15.79
C LEU A 247 35.22 -6.31 -15.57
N ASP A 248 34.43 -7.03 -16.37
CA ASP A 248 34.13 -8.46 -16.16
C ASP A 248 33.51 -8.66 -14.78
N LEU A 249 32.36 -8.03 -14.59
CA LEU A 249 31.66 -8.05 -13.33
C LEU A 249 30.16 -8.13 -13.58
N PRO A 250 29.45 -8.88 -12.72
CA PRO A 250 28.00 -9.06 -12.89
C PRO A 250 27.24 -7.80 -12.47
N VAL A 251 25.95 -7.74 -12.83
CA VAL A 251 25.15 -6.52 -12.66
C VAL A 251 25.22 -5.90 -11.26
N GLU A 252 25.42 -6.71 -10.24
CA GLU A 252 25.30 -6.20 -8.86
C GLU A 252 26.62 -5.61 -8.40
N GLU A 253 27.66 -5.81 -9.22
CA GLU A 253 29.01 -5.35 -8.93
C GLU A 253 29.48 -4.20 -9.86
N ARG A 254 28.54 -3.38 -10.32
CA ARG A 254 28.84 -2.38 -11.35
C ARG A 254 28.64 -0.92 -10.86
N LEU A 255 28.66 -0.71 -9.55
CA LEU A 255 28.47 0.60 -8.96
C LEU A 255 29.63 1.58 -9.30
N GLU A 256 30.87 1.10 -9.21
CA GLU A 256 32.04 1.90 -9.59
C GLU A 256 32.12 2.13 -11.11
N GLY A 257 31.78 1.13 -11.90
CA GLY A 257 31.70 1.27 -13.35
C GLY A 257 30.67 2.29 -13.78
N THR A 258 29.45 2.19 -13.24
CA THR A 258 28.36 3.19 -13.54
C THR A 258 28.84 4.58 -13.10
N GLY A 259 29.64 4.61 -12.04
CA GLY A 259 30.02 5.90 -11.47
C GLY A 259 30.94 6.57 -12.47
N ALA A 260 31.81 5.79 -13.10
CA ALA A 260 32.76 6.35 -14.03
C ALA A 260 31.98 6.95 -15.17
N THR A 261 31.06 6.19 -15.75
CA THR A 261 30.30 6.70 -16.91
C THR A 261 29.47 7.96 -16.51
N VAL A 262 28.98 7.99 -15.28
CA VAL A 262 28.17 9.21 -14.83
C VAL A 262 29.08 10.42 -14.74
N CYS A 263 30.30 10.25 -14.20
CA CYS A 263 31.24 11.35 -14.08
C CYS A 263 31.69 11.88 -15.44
N LEU A 264 32.01 10.97 -16.35
CA LEU A 264 32.46 11.37 -17.65
C LEU A 264 31.32 12.01 -18.41
N GLY A 265 30.17 11.39 -18.35
CA GLY A 265 28.91 12.05 -18.87
C GLY A 265 28.73 13.48 -18.47
N ILE A 266 28.88 13.76 -17.17
CA ILE A 266 28.58 15.12 -16.70
C ILE A 266 29.65 16.08 -17.17
N GLU A 267 30.88 15.58 -17.28
CA GLU A 267 31.93 16.42 -17.72
C GLU A 267 31.70 16.78 -19.19
N LYS A 268 31.11 15.86 -19.93
CA LYS A 268 30.81 16.08 -21.31
C LYS A 268 29.46 16.83 -21.50
N GLY A 269 28.87 17.31 -20.40
CA GLY A 269 27.68 18.25 -20.52
C GLY A 269 26.28 17.69 -20.45
N CYS A 270 26.09 16.48 -19.96
CA CYS A 270 24.72 15.98 -19.80
CA CYS A 270 24.72 15.97 -19.80
C CYS A 270 24.05 16.68 -18.63
N GLU A 271 22.74 16.89 -18.75
CA GLU A 271 21.97 17.55 -17.75
C GLU A 271 21.23 16.57 -16.83
N PHE A 272 21.04 15.32 -17.26
CA PHE A 272 20.33 14.29 -16.47
C PHE A 272 21.10 12.99 -16.51
N VAL A 273 20.98 12.20 -15.44
CA VAL A 273 21.47 10.84 -15.48
C VAL A 273 20.40 9.90 -14.91
N ARG A 274 20.28 8.72 -15.50
CA ARG A 274 19.25 7.77 -15.15
C ARG A 274 19.97 6.61 -14.52
N VAL A 275 19.94 6.56 -13.20
CA VAL A 275 20.65 5.59 -12.43
C VAL A 275 19.79 4.74 -11.50
N HIS A 276 20.33 3.58 -11.08
CA HIS A 276 19.72 2.75 -10.05
C HIS A 276 20.20 3.15 -8.66
N ASP A 277 21.51 3.35 -8.51
CA ASP A 277 22.06 3.64 -7.18
C ASP A 277 21.99 5.14 -6.83
N VAL A 278 20.81 5.62 -6.48
CA VAL A 278 20.58 7.05 -6.33
C VAL A 278 21.51 7.73 -5.31
N LYS A 279 21.59 7.18 -4.11
CA LYS A 279 22.46 7.74 -3.10
C LYS A 279 23.90 7.92 -3.66
N GLU A 280 24.49 6.86 -4.17
CA GLU A 280 25.87 6.94 -4.65
C GLU A 280 26.02 7.93 -5.82
N MET A 281 25.17 7.79 -6.83
CA MET A 281 25.29 8.59 -8.05
C MET A 281 25.05 10.07 -7.76
N SER A 282 24.14 10.31 -6.84
CA SER A 282 23.79 11.66 -6.45
C SER A 282 25.00 12.32 -5.80
N ARG A 283 25.74 11.57 -5.01
CA ARG A 283 26.98 12.11 -4.44
C ARG A 283 28.04 12.45 -5.50
N MET A 284 28.28 11.55 -6.46
CA MET A 284 29.35 11.82 -7.43
C MET A 284 28.95 12.99 -8.33
N ALA A 285 27.71 12.97 -8.75
CA ALA A 285 27.15 14.05 -9.55
C ALA A 285 27.30 15.43 -8.87
N LYS A 286 27.06 15.47 -7.57
CA LYS A 286 27.22 16.72 -6.83
C LYS A 286 28.66 17.21 -6.74
N MET A 287 29.58 16.27 -6.59
CA MET A 287 30.98 16.59 -6.57
C MET A 287 31.43 17.06 -7.99
N MET A 288 31.01 16.36 -9.05
CA MET A 288 31.37 16.76 -10.42
C MET A 288 30.91 18.20 -10.62
N ASP A 289 29.63 18.44 -10.27
CA ASP A 289 29.04 19.77 -10.44
C ASP A 289 29.91 20.83 -9.81
N ALA A 290 30.31 20.61 -8.59
CA ALA A 290 31.15 21.60 -7.94
C ALA A 290 32.43 21.78 -8.71
N MET A 291 33.05 20.66 -9.15
CA MET A 291 34.36 20.78 -9.76
C MET A 291 34.25 21.51 -11.10
N ILE A 292 33.21 21.21 -11.88
CA ILE A 292 33.22 21.73 -13.26
C ILE A 292 32.53 23.07 -13.36
N GLY A 293 32.24 23.69 -12.22
CA GLY A 293 31.72 25.02 -12.20
C GLY A 293 30.21 25.14 -12.45
N LYS A 294 29.49 24.02 -12.44
CA LYS A 294 28.04 24.04 -12.59
C LYS A 294 27.43 24.61 -11.33
N GLY A 295 26.42 25.47 -11.50
CA GLY A 295 25.75 26.10 -10.35
C GLY A 295 26.61 27.09 -9.58
N LYS B 22 -7.17 -10.97 39.78
CA LYS B 22 -8.59 -11.30 39.44
C LYS B 22 -8.66 -12.45 38.44
N TRP B 23 -8.23 -12.23 37.19
CA TRP B 23 -8.05 -13.36 36.26
C TRP B 23 -6.69 -14.03 36.54
N ASP B 24 -6.61 -15.35 36.62
CA ASP B 24 -5.31 -15.99 36.91
C ASP B 24 -4.49 -16.40 35.69
N TYR B 25 -4.94 -15.96 34.52
CA TYR B 25 -4.22 -16.23 33.28
C TYR B 25 -4.27 -15.01 32.35
N ASP B 26 -3.42 -15.04 31.32
CA ASP B 26 -3.37 -14.02 30.26
C ASP B 26 -3.92 -14.55 28.94
N LEU B 27 -4.35 -13.64 28.09
CA LEU B 27 -4.88 -14.04 26.82
C LEU B 27 -3.72 -14.25 25.88
N ARG B 28 -3.43 -15.52 25.63
CA ARG B 28 -2.30 -15.94 24.82
C ARG B 28 -2.66 -15.87 23.35
N CYS B 29 -2.06 -14.94 22.61
CA CYS B 29 -2.50 -14.70 21.24
C CYS B 29 -1.58 -15.23 20.14
N GLY B 30 -0.30 -15.34 20.46
CA GLY B 30 0.70 -15.87 19.55
C GLY B 30 1.99 -15.19 19.92
N GLU B 31 2.44 -14.30 19.05
CA GLU B 31 3.54 -13.40 19.39
C GLU B 31 3.16 -12.37 20.47
N TYR B 32 1.88 -11.97 20.52
CA TYR B 32 1.42 -10.99 21.51
C TYR B 32 0.67 -11.63 22.67
N THR B 33 0.79 -11.00 23.84
CA THR B 33 0.11 -11.43 25.06
C THR B 33 -0.75 -10.32 25.63
N LEU B 34 -2.02 -10.61 25.96
CA LEU B 34 -2.97 -9.59 26.48
C LEU B 34 -3.34 -9.82 27.93
N ASN B 35 -2.91 -8.91 28.81
CA ASN B 35 -3.30 -8.94 30.21
C ASN B 35 -4.78 -8.57 30.46
N LEU B 36 -5.49 -9.42 31.20
CA LEU B 36 -6.90 -9.17 31.46
C LEU B 36 -7.16 -8.36 32.72
N ASN B 37 -6.15 -8.17 33.57
CA ASN B 37 -6.41 -7.43 34.80
C ASN B 37 -6.01 -5.97 34.76
N GLU B 38 -5.01 -5.66 33.94
CA GLU B 38 -4.39 -4.33 33.95
C GLU B 38 -5.39 -3.24 33.50
N LYS B 39 -6.15 -3.51 32.44
CA LYS B 39 -7.04 -2.49 31.92
C LYS B 39 -8.05 -3.09 30.96
N THR B 40 -9.10 -2.35 30.72
CA THR B 40 -10.05 -2.66 29.66
C THR B 40 -9.38 -2.58 28.32
N LEU B 41 -9.46 -3.66 27.55
CA LEU B 41 -8.78 -3.78 26.27
C LEU B 41 -9.70 -3.24 25.14
N ILE B 42 -9.13 -2.45 24.24
CA ILE B 42 -9.87 -1.80 23.19
C ILE B 42 -9.70 -2.57 21.89
N MET B 43 -10.81 -2.98 21.29
CA MET B 43 -10.78 -3.58 19.97
C MET B 43 -11.26 -2.59 18.91
N GLY B 44 -10.34 -2.17 18.05
CA GLY B 44 -10.66 -1.14 17.04
C GLY B 44 -11.34 -1.78 15.85
N ILE B 45 -12.40 -1.15 15.35
CA ILE B 45 -13.12 -1.73 14.21
C ILE B 45 -12.59 -1.15 12.90
N LEU B 46 -11.94 -2.01 12.09
CA LEU B 46 -11.40 -1.65 10.76
C LEU B 46 -12.51 -1.57 9.70
N ASN B 47 -12.56 -0.45 8.96
CA ASN B 47 -13.60 -0.34 7.91
C ASN B 47 -13.25 -1.01 6.57
N VAL B 48 -14.25 -1.72 6.01
CA VAL B 48 -14.15 -2.47 4.73
C VAL B 48 -15.16 -1.89 3.72
N THR B 49 -14.65 -1.13 2.74
CA THR B 49 -15.54 -0.46 1.77
C THR B 49 -15.75 -1.33 0.51
N PRO B 50 -17.02 -1.79 0.26
CA PRO B 50 -17.34 -2.45 -1.02
C PRO B 50 -17.64 -1.45 -2.15
N SER B 54 -14.02 -1.18 -4.17
CA SER B 54 -13.02 -1.83 -5.02
C SER B 54 -13.47 -3.24 -5.44
N ASP B 55 -12.50 -4.13 -5.71
CA ASP B 55 -12.82 -5.45 -6.30
C ASP B 55 -12.10 -6.70 -5.71
N GLY B 56 -10.92 -6.53 -5.11
CA GLY B 56 -10.20 -7.66 -4.52
C GLY B 56 -9.14 -7.20 -3.53
N GLY B 57 -7.89 -7.62 -3.80
CA GLY B 57 -6.76 -7.14 -3.03
C GLY B 57 -6.04 -5.96 -3.67
N SER B 58 -6.78 -4.95 -4.15
CA SER B 58 -6.20 -3.77 -4.80
C SER B 58 -5.34 -2.92 -3.86
N TYR B 59 -4.63 -1.92 -4.41
CA TYR B 59 -3.74 -1.10 -3.59
C TYR B 59 -4.52 -0.16 -2.70
N ASN B 60 -5.54 0.48 -3.25
CA ASN B 60 -6.21 1.56 -2.51
C ASN B 60 -7.01 1.06 -1.29
N GLU B 61 -7.61 -0.12 -1.42
CA GLU B 61 -8.32 -0.73 -0.32
C GLU B 61 -7.32 -1.10 0.80
N VAL B 62 -6.28 -1.86 0.45
CA VAL B 62 -5.37 -2.41 1.45
C VAL B 62 -4.53 -1.34 2.10
N ASP B 63 -4.22 -0.31 1.34
CA ASP B 63 -3.47 0.84 1.85
C ASP B 63 -4.33 1.64 2.84
N ALA B 64 -5.60 1.83 2.51
CA ALA B 64 -6.56 2.50 3.43
C ALA B 64 -6.68 1.72 4.75
N ALA B 65 -6.76 0.41 4.64
CA ALA B 65 -6.84 -0.48 5.78
C ALA B 65 -5.61 -0.41 6.69
N VAL B 66 -4.42 -0.29 6.10
CA VAL B 66 -3.20 -0.26 6.89
C VAL B 66 -3.16 1.08 7.61
N ARG B 67 -3.49 2.15 6.89
CA ARG B 67 -3.41 3.51 7.45
CA ARG B 67 -3.37 3.50 7.46
C ARG B 67 -4.31 3.59 8.66
N HIS B 68 -5.55 3.10 8.49
CA HIS B 68 -6.53 3.05 9.56
C HIS B 68 -6.05 2.23 10.74
N ALA B 69 -5.50 1.04 10.47
CA ALA B 69 -4.98 0.21 11.53
C ALA B 69 -3.97 0.99 12.29
N LYS B 70 -3.12 1.72 11.58
CA LYS B 70 -1.99 2.41 12.17
C LYS B 70 -2.51 3.52 13.06
N GLU B 71 -3.56 4.17 12.58
CA GLU B 71 -4.20 5.27 13.28
C GLU B 71 -4.86 4.75 14.58
N MET B 72 -5.57 3.63 14.49
CA MET B 72 -6.18 3.05 15.67
C MET B 72 -5.14 2.62 16.66
N ARG B 73 -4.02 2.11 16.15
CA ARG B 73 -2.92 1.71 17.00
C ARG B 73 -2.41 2.91 17.77
N ASP B 74 -2.21 4.01 17.07
CA ASP B 74 -1.73 5.22 17.71
C ASP B 74 -2.75 5.81 18.66
N GLU B 75 -4.05 5.58 18.41
CA GLU B 75 -5.09 6.15 19.29
C GLU B 75 -5.36 5.31 20.56
N GLY B 76 -4.86 4.07 20.58
CA GLY B 76 -4.90 3.25 21.79
C GLY B 76 -5.58 1.89 21.68
N ALA B 77 -5.85 1.47 20.44
CA ALA B 77 -6.38 0.12 20.19
C ALA B 77 -5.38 -0.99 20.59
N HIS B 78 -5.90 -2.04 21.23
CA HIS B 78 -5.06 -3.18 21.66
C HIS B 78 -5.28 -4.37 20.73
N ILE B 79 -6.35 -4.31 19.96
CA ILE B 79 -6.70 -5.32 18.99
C ILE B 79 -7.29 -4.65 17.76
N ILE B 80 -6.98 -5.17 16.57
CA ILE B 80 -7.63 -4.73 15.32
C ILE B 80 -8.62 -5.77 14.84
N ASP B 81 -9.86 -5.37 14.56
CA ASP B 81 -10.86 -6.31 14.08
C ASP B 81 -11.27 -6.11 12.61
N ILE B 82 -11.19 -7.18 11.84
CA ILE B 82 -11.33 -7.10 10.40
C ILE B 82 -12.41 -8.02 9.86
N GLY B 83 -13.46 -7.45 9.29
CA GLY B 83 -14.64 -8.24 8.92
C GLY B 83 -15.07 -8.16 7.48
N GLY B 84 -15.38 -9.32 6.89
CA GLY B 84 -15.83 -9.37 5.49
C GLY B 84 -17.34 -9.27 5.30
N GLU B 85 -18.10 -9.46 6.39
CA GLU B 85 -19.57 -9.51 6.34
C GLU B 85 -20.17 -8.12 6.66
N SER B 86 -21.22 -7.72 5.91
CA SER B 86 -21.95 -6.46 6.17
C SER B 86 -23.46 -6.64 6.37
N THR B 87 -24.04 -5.79 7.20
CA THR B 87 -25.45 -5.87 7.54
C THR B 87 -26.31 -4.87 6.75
N VAL B 94 -21.84 -13.21 -1.39
CA VAL B 94 -20.39 -13.31 -1.48
C VAL B 94 -19.91 -14.71 -1.09
N SER B 95 -19.27 -15.39 -2.04
CA SER B 95 -18.83 -16.78 -1.85
C SER B 95 -17.77 -16.87 -0.76
N VAL B 96 -17.47 -18.09 -0.33
CA VAL B 96 -16.41 -18.30 0.64
C VAL B 96 -15.05 -17.84 0.06
N GLU B 97 -14.85 -18.06 -1.25
CA GLU B 97 -13.64 -17.60 -1.97
C GLU B 97 -13.59 -16.08 -1.98
N GLU B 98 -14.71 -15.45 -2.35
CA GLU B 98 -14.83 -13.99 -2.40
C GLU B 98 -14.43 -13.30 -1.10
N GLU B 99 -14.94 -13.79 0.03
CA GLU B 99 -14.63 -13.23 1.35
C GLU B 99 -13.16 -13.44 1.72
N ILE B 100 -12.61 -14.59 1.36
CA ILE B 100 -11.19 -14.84 1.54
C ILE B 100 -10.34 -13.87 0.70
N LYS B 101 -10.69 -13.71 -0.57
CA LYS B 101 -9.90 -12.85 -1.49
C LYS B 101 -9.87 -11.43 -1.01
N ARG B 102 -10.93 -11.01 -0.34
CA ARG B 102 -11.04 -9.66 0.16
C ARG B 102 -10.34 -9.52 1.49
N VAL B 103 -10.51 -10.48 2.40
CA VAL B 103 -10.01 -10.31 3.78
C VAL B 103 -8.54 -10.69 4.02
N VAL B 104 -8.07 -11.75 3.36
CA VAL B 104 -6.69 -12.23 3.51
C VAL B 104 -5.58 -11.18 3.20
N PRO B 105 -5.73 -10.43 2.10
CA PRO B 105 -4.72 -9.39 1.82
C PRO B 105 -4.60 -8.35 2.94
N MET B 106 -5.73 -7.95 3.51
CA MET B 106 -5.75 -7.02 4.63
C MET B 106 -5.08 -7.55 5.90
N ILE B 107 -5.26 -8.84 6.20
CA ILE B 107 -4.57 -9.46 7.33
C ILE B 107 -3.04 -9.46 7.16
N GLN B 108 -2.57 -10.05 6.07
CA GLN B 108 -1.15 -10.06 5.74
C GLN B 108 -0.50 -8.68 5.90
N ALA B 109 -1.14 -7.68 5.31
CA ALA B 109 -0.62 -6.33 5.33
C ALA B 109 -0.62 -5.71 6.72
N VAL B 110 -1.76 -5.80 7.44
CA VAL B 110 -1.88 -5.22 8.76
C VAL B 110 -0.94 -5.91 9.73
N SER B 111 -0.82 -7.23 9.61
CA SER B 111 0.01 -8.02 10.52
C SER B 111 1.50 -7.66 10.46
N LYS B 112 2.03 -7.53 9.24
CA LYS B 112 3.41 -7.11 9.00
C LYS B 112 3.62 -5.69 9.46
N GLU B 113 2.64 -4.84 9.19
CA GLU B 113 2.87 -3.42 9.38
C GLU B 113 2.40 -2.82 10.69
N VAL B 114 1.50 -3.51 11.40
CA VAL B 114 1.00 -3.04 12.70
C VAL B 114 1.23 -4.10 13.79
N LYS B 115 2.09 -3.75 14.74
CA LYS B 115 2.47 -4.69 15.78
C LYS B 115 1.36 -4.76 16.84
N LEU B 116 0.36 -5.59 16.55
CA LEU B 116 -0.87 -5.67 17.33
C LEU B 116 -1.61 -6.95 16.96
N PRO B 117 -2.20 -7.63 17.95
CA PRO B 117 -3.00 -8.82 17.67
C PRO B 117 -4.20 -8.49 16.78
N ILE B 118 -4.55 -9.42 15.91
CA ILE B 118 -5.62 -9.20 14.94
C ILE B 118 -6.73 -10.22 15.10
N SER B 119 -7.94 -9.74 14.85
CA SER B 119 -9.11 -10.53 15.06
C SER B 119 -9.86 -10.64 13.72
N ILE B 120 -10.21 -11.86 13.33
CA ILE B 120 -11.04 -12.06 12.13
C ILE B 120 -12.55 -12.20 12.41
N ASP B 121 -13.31 -11.21 11.92
CA ASP B 121 -14.78 -11.19 12.09
C ASP B 121 -15.46 -12.01 11.00
N THR B 122 -15.54 -13.31 11.24
CA THR B 122 -16.34 -14.19 10.41
C THR B 122 -17.06 -15.27 11.24
N TYR B 123 -17.91 -16.05 10.58
CA TYR B 123 -18.61 -17.19 11.20
C TYR B 123 -18.40 -18.46 10.40
N LYS B 124 -17.62 -18.35 9.32
CA LYS B 124 -17.40 -19.45 8.39
C LYS B 124 -16.08 -20.16 8.67
N ALA B 125 -16.12 -21.48 8.76
CA ALA B 125 -14.94 -22.29 9.13
C ALA B 125 -13.75 -22.00 8.22
N GLU B 126 -13.98 -22.00 6.92
CA GLU B 126 -12.90 -21.86 5.95
C GLU B 126 -12.25 -20.48 6.00
N VAL B 127 -13.10 -19.45 6.11
CA VAL B 127 -12.63 -18.07 6.19
C VAL B 127 -11.70 -17.89 7.39
N ALA B 128 -12.00 -18.59 8.48
CA ALA B 128 -11.17 -18.51 9.68
C ALA B 128 -9.79 -19.19 9.57
N LYS B 129 -9.75 -20.45 9.11
CA LYS B 129 -8.47 -21.10 8.77
C LYS B 129 -7.56 -20.16 7.92
N GLN B 130 -8.06 -19.69 6.78
CA GLN B 130 -7.27 -18.84 5.88
C GLN B 130 -6.70 -17.62 6.61
N ALA B 131 -7.59 -16.93 7.34
CA ALA B 131 -7.25 -15.68 7.98
C ALA B 131 -6.14 -15.84 9.00
N ILE B 132 -6.08 -17.02 9.61
CA ILE B 132 -5.07 -17.27 10.63
C ILE B 132 -3.76 -17.64 10.00
N GLU B 133 -3.83 -18.39 8.90
CA GLU B 133 -2.68 -18.63 8.03
C GLU B 133 -2.16 -17.30 7.55
N ALA B 134 -3.07 -16.35 7.31
CA ALA B 134 -2.69 -15.02 6.86
C ALA B 134 -1.99 -14.19 7.94
N GLY B 135 -2.24 -14.50 9.21
CA GLY B 135 -1.60 -13.80 10.32
C GLY B 135 -2.57 -13.34 11.42
N ALA B 136 -3.84 -13.74 11.32
CA ALA B 136 -4.85 -13.38 12.31
C ALA B 136 -4.65 -14.17 13.58
N HIS B 137 -4.91 -13.55 14.71
CA HIS B 137 -4.63 -14.18 15.99
C HIS B 137 -5.85 -14.68 16.78
N ILE B 138 -7.04 -14.16 16.46
CA ILE B 138 -8.27 -14.38 17.26
C ILE B 138 -9.46 -14.57 16.34
N ILE B 139 -10.31 -15.53 16.64
CA ILE B 139 -11.53 -15.67 15.87
C ILE B 139 -12.70 -14.93 16.56
N ASN B 140 -13.47 -14.20 15.75
CA ASN B 140 -14.64 -13.43 16.19
C ASN B 140 -15.96 -13.85 15.50
N ASP B 141 -16.69 -14.74 16.18
CA ASP B 141 -17.86 -15.39 15.56
C ASP B 141 -19.18 -14.87 16.08
N ILE B 142 -19.86 -14.09 15.24
CA ILE B 142 -21.16 -13.48 15.55
C ILE B 142 -22.29 -14.53 15.62
N TRP B 143 -21.93 -15.82 15.54
CA TRP B 143 -22.91 -16.90 15.66
C TRP B 143 -22.43 -17.89 16.70
N GLY B 144 -21.35 -17.52 17.39
CA GLY B 144 -20.85 -18.29 18.53
C GLY B 144 -20.80 -19.76 18.19
N ALA B 145 -20.24 -20.03 17.01
CA ALA B 145 -19.99 -21.40 16.57
C ALA B 145 -21.26 -22.19 16.24
N LYS B 146 -22.40 -21.51 16.15
CA LYS B 146 -23.64 -22.17 15.78
C LYS B 146 -23.84 -22.23 14.25
N ALA B 147 -23.35 -21.22 13.52
CA ALA B 147 -23.46 -21.19 12.06
C ALA B 147 -22.71 -22.33 11.39
N GLU B 148 -21.45 -22.48 11.77
CA GLU B 148 -20.65 -23.57 11.26
C GLU B 148 -19.80 -24.11 12.38
N PRO B 149 -20.32 -25.12 13.08
CA PRO B 149 -19.68 -25.69 14.26
C PRO B 149 -18.22 -26.04 14.00
N LYS B 150 -17.95 -26.42 12.75
CA LYS B 150 -16.59 -26.71 12.29
C LYS B 150 -15.57 -25.61 12.64
N ILE B 151 -16.02 -24.37 12.78
CA ILE B 151 -15.13 -23.28 13.17
C ILE B 151 -14.43 -23.53 14.52
N ALA B 152 -15.16 -24.12 15.46
CA ALA B 152 -14.58 -24.48 16.75
C ALA B 152 -13.37 -25.41 16.62
N GLU B 153 -13.48 -26.41 15.73
CA GLU B 153 -12.34 -27.26 15.38
C GLU B 153 -11.14 -26.42 14.92
N VAL B 154 -11.41 -25.39 14.14
CA VAL B 154 -10.34 -24.49 13.66
C VAL B 154 -9.61 -23.83 14.82
N ALA B 155 -10.38 -23.34 15.79
CA ALA B 155 -9.86 -22.66 16.97
C ALA B 155 -9.01 -23.58 17.80
N ALA B 156 -9.54 -24.77 18.07
CA ALA B 156 -8.83 -25.79 18.83
C ALA B 156 -7.51 -26.12 18.15
N HIS B 157 -7.52 -26.28 16.83
CA HIS B 157 -6.29 -26.67 16.09
C HIS B 157 -5.21 -25.62 16.18
N TYR B 158 -5.59 -24.36 15.98
CA TYR B 158 -4.61 -23.29 16.02
C TYR B 158 -4.36 -22.72 17.41
N ASP B 159 -5.11 -23.19 18.41
CA ASP B 159 -4.91 -22.80 19.81
C ASP B 159 -5.10 -21.28 19.97
N VAL B 160 -6.06 -20.72 19.24
CA VAL B 160 -6.34 -19.29 19.34
C VAL B 160 -7.65 -18.94 20.10
N PRO B 161 -7.68 -17.77 20.75
CA PRO B 161 -8.90 -17.32 21.44
C PRO B 161 -10.03 -17.12 20.46
N ILE B 162 -11.21 -17.59 20.84
CA ILE B 162 -12.37 -17.39 19.99
C ILE B 162 -13.46 -16.68 20.77
N ILE B 163 -14.09 -15.71 20.14
CA ILE B 163 -15.13 -14.94 20.75
C ILE B 163 -16.45 -15.52 20.29
N LEU B 164 -17.32 -15.83 21.26
CA LEU B 164 -18.61 -16.44 20.98
C LEU B 164 -19.66 -15.44 21.35
N MET B 165 -20.30 -14.89 20.33
CA MET B 165 -21.31 -13.85 20.55
C MET B 165 -22.72 -14.46 20.60
N HIS B 166 -23.57 -13.93 21.50
CA HIS B 166 -24.95 -14.36 21.55
C HIS B 166 -25.68 -13.98 20.29
N ASN B 167 -26.31 -14.96 19.67
CA ASN B 167 -27.12 -14.70 18.51
C ASN B 167 -28.16 -15.80 18.40
N ARG B 168 -29.31 -15.45 17.82
CA ARG B 168 -30.38 -16.40 17.52
C ARG B 168 -31.25 -15.85 16.40
N ASP B 169 -32.14 -16.69 15.87
CA ASP B 169 -32.90 -16.32 14.69
C ASP B 169 -34.24 -15.64 15.01
N ASN B 170 -34.56 -15.49 16.29
CA ASN B 170 -35.83 -14.88 16.69
C ASN B 170 -35.66 -13.88 17.82
N MET B 171 -36.74 -13.22 18.23
CA MET B 171 -36.70 -12.31 19.39
C MET B 171 -37.78 -12.67 20.41
N ASN B 172 -38.16 -13.95 20.42
CA ASN B 172 -39.15 -14.47 21.37
C ASN B 172 -38.44 -14.95 22.60
N TYR B 173 -38.29 -14.08 23.59
CA TYR B 173 -37.62 -14.44 24.81
C TYR B 173 -38.58 -14.64 25.96
N ARG B 174 -38.34 -15.68 26.73
CA ARG B 174 -39.11 -15.96 27.93
C ARG B 174 -38.55 -15.13 29.10
N ASN B 175 -37.23 -15.06 29.15
CA ASN B 175 -36.51 -14.23 30.12
C ASN B 175 -35.15 -13.89 29.50
N LEU B 176 -35.04 -12.65 29.02
CA LEU B 176 -33.93 -12.26 28.15
C LEU B 176 -32.59 -12.76 28.63
N MET B 177 -32.21 -12.31 29.82
CA MET B 177 -30.89 -12.65 30.39
C MET B 177 -30.65 -14.14 30.54
N ALA B 178 -31.64 -14.83 31.12
CA ALA B 178 -31.56 -16.23 31.38
C ALA B 178 -31.47 -16.94 30.08
N ASP B 179 -32.25 -16.51 29.09
CA ASP B 179 -32.17 -17.10 27.76
C ASP B 179 -30.84 -16.86 27.06
N MET B 180 -30.32 -15.64 27.16
CA MET B 180 -29.02 -15.34 26.55
C MET B 180 -27.95 -16.21 27.17
N ILE B 181 -27.99 -16.37 28.50
CA ILE B 181 -26.97 -17.18 29.20
C ILE B 181 -27.08 -18.62 28.73
N ALA B 182 -28.32 -19.10 28.67
CA ALA B 182 -28.59 -20.41 28.11
C ALA B 182 -27.98 -20.53 26.70
N ASP B 183 -28.37 -19.64 25.79
CA ASP B 183 -27.84 -19.67 24.42
C ASP B 183 -26.30 -19.62 24.34
N LEU B 184 -25.70 -18.83 25.21
CA LEU B 184 -24.24 -18.74 25.26
C LEU B 184 -23.59 -20.07 25.68
N TYR B 185 -24.13 -20.70 26.74
CA TYR B 185 -23.63 -22.00 27.18
CA TYR B 185 -23.55 -21.97 27.16
C TYR B 185 -23.67 -23.01 26.04
N ASP B 186 -24.71 -22.89 25.23
CA ASP B 186 -24.82 -23.76 24.03
C ASP B 186 -23.62 -23.58 23.08
N SER B 187 -23.13 -22.35 22.99
CA SER B 187 -21.94 -22.08 22.21
C SER B 187 -20.70 -22.67 22.90
N ILE B 188 -20.60 -22.50 24.21
CA ILE B 188 -19.46 -23.03 24.95
C ILE B 188 -19.35 -24.53 24.77
N LYS B 189 -20.47 -25.23 25.00
CA LYS B 189 -20.49 -26.67 24.84
C LYS B 189 -19.89 -27.04 23.48
N ILE B 190 -20.32 -26.35 22.41
CA ILE B 190 -19.82 -26.65 21.04
C ILE B 190 -18.30 -26.44 20.89
N ALA B 191 -17.80 -25.39 21.52
CA ALA B 191 -16.39 -25.07 21.53
C ALA B 191 -15.52 -26.11 22.25
N LYS B 192 -15.90 -26.43 23.48
CA LYS B 192 -15.15 -27.37 24.33
C LYS B 192 -15.16 -28.81 23.80
N ASP B 193 -16.30 -29.16 23.20
CA ASP B 193 -16.48 -30.45 22.56
C ASP B 193 -15.47 -30.59 21.42
N ALA B 194 -15.18 -29.47 20.75
CA ALA B 194 -14.25 -29.49 19.66
C ALA B 194 -12.80 -29.43 20.14
N GLY B 195 -12.57 -29.02 21.40
CA GLY B 195 -11.23 -29.05 21.98
C GLY B 195 -10.64 -27.71 22.41
N VAL B 196 -11.43 -26.64 22.31
CA VAL B 196 -11.04 -25.29 22.78
C VAL B 196 -10.89 -25.19 24.29
N ARG B 197 -9.70 -24.82 24.76
CA ARG B 197 -9.43 -24.70 26.19
C ARG B 197 -10.18 -23.52 26.74
N ASP B 198 -10.59 -23.63 28.01
CA ASP B 198 -11.39 -22.62 28.65
C ASP B 198 -10.78 -21.23 28.50
N GLU B 199 -9.46 -21.16 28.66
CA GLU B 199 -8.76 -19.89 28.63
C GLU B 199 -8.64 -19.29 27.24
N ASN B 200 -9.27 -19.93 26.26
CA ASN B 200 -9.37 -19.39 24.89
C ASN B 200 -10.80 -19.07 24.49
N ILE B 201 -11.68 -19.02 25.48
CA ILE B 201 -13.08 -18.64 25.25
C ILE B 201 -13.36 -17.24 25.76
N ILE B 202 -14.04 -16.47 24.92
CA ILE B 202 -14.51 -15.13 25.27
C ILE B 202 -16.00 -14.95 24.90
N LEU B 203 -16.77 -14.30 25.76
CA LEU B 203 -18.20 -14.16 25.52
C LEU B 203 -18.59 -12.77 25.11
N ASP B 204 -19.69 -12.67 24.37
CA ASP B 204 -20.21 -11.37 23.94
C ASP B 204 -21.72 -11.43 24.03
N PRO B 205 -22.34 -10.43 24.70
CA PRO B 205 -23.82 -10.36 24.83
C PRO B 205 -24.53 -10.12 23.49
N GLY B 206 -23.76 -9.74 22.46
CA GLY B 206 -24.31 -9.52 21.12
C GLY B 206 -25.38 -8.46 21.10
N ILE B 207 -25.05 -7.29 21.63
CA ILE B 207 -25.96 -6.16 21.61
C ILE B 207 -26.22 -5.81 20.15
N GLY B 208 -27.48 -5.58 19.84
CA GLY B 208 -27.87 -5.20 18.48
C GLY B 208 -28.23 -6.38 17.62
N PHE B 209 -28.07 -7.58 18.15
CA PHE B 209 -28.39 -8.77 17.38
C PHE B 209 -29.55 -9.51 18.03
N ALA B 210 -30.56 -9.79 17.22
CA ALA B 210 -31.74 -10.54 17.62
C ALA B 210 -32.37 -9.95 18.86
N LYS B 211 -32.36 -8.63 18.94
CA LYS B 211 -32.93 -7.93 20.07
C LYS B 211 -33.62 -6.64 19.65
N THR B 212 -34.85 -6.48 20.14
CA THR B 212 -35.54 -5.21 20.00
C THR B 212 -34.69 -4.14 20.67
N PRO B 213 -34.91 -2.88 20.31
CA PRO B 213 -34.26 -1.79 21.02
C PRO B 213 -34.36 -1.93 22.54
N GLU B 214 -35.56 -2.13 23.09
CA GLU B 214 -35.73 -2.24 24.53
CA GLU B 214 -35.78 -2.25 24.52
C GLU B 214 -35.02 -3.45 25.13
N GLN B 215 -34.94 -4.53 24.37
CA GLN B 215 -34.25 -5.69 24.83
C GLN B 215 -32.77 -5.39 24.89
N ASN B 216 -32.26 -4.67 23.88
CA ASN B 216 -30.87 -4.17 23.95
C ASN B 216 -30.59 -3.38 25.24
N LEU B 217 -31.52 -2.54 25.65
CA LEU B 217 -31.30 -1.76 26.89
C LEU B 217 -31.32 -2.63 28.16
N GLU B 218 -32.20 -3.63 28.18
CA GLU B 218 -32.34 -4.53 29.31
C GLU B 218 -31.05 -5.37 29.47
N ALA B 219 -30.50 -5.85 28.36
CA ALA B 219 -29.26 -6.60 28.38
C ALA B 219 -28.13 -5.75 28.94
N MET B 220 -28.08 -4.49 28.50
CA MET B 220 -27.05 -3.57 28.98
C MET B 220 -27.15 -3.43 30.49
N ARG B 221 -28.38 -3.34 30.94
CA ARG B 221 -28.72 -3.08 32.32
C ARG B 221 -28.40 -4.26 33.18
N ASN B 222 -28.36 -5.45 32.58
CA ASN B 222 -28.13 -6.65 33.36
C ASN B 222 -26.88 -7.41 32.93
N LEU B 223 -25.93 -6.70 32.32
CA LEU B 223 -24.75 -7.34 31.72
C LEU B 223 -23.90 -8.06 32.73
N GLU B 224 -23.95 -7.60 33.96
CA GLU B 224 -23.10 -8.19 34.98
C GLU B 224 -23.48 -9.65 35.24
N GLN B 225 -24.68 -10.06 34.81
CA GLN B 225 -25.07 -11.45 34.98
C GLN B 225 -24.17 -12.37 34.12
N LEU B 226 -23.57 -11.85 33.06
CA LEU B 226 -22.79 -12.72 32.21
C LEU B 226 -21.58 -13.19 32.97
N ASN B 227 -21.19 -12.47 34.03
CA ASN B 227 -19.94 -12.80 34.70
C ASN B 227 -19.97 -14.14 35.43
N VAL B 228 -21.17 -14.70 35.67
CA VAL B 228 -21.26 -15.91 36.45
C VAL B 228 -20.75 -17.08 35.68
N LEU B 229 -20.65 -16.93 34.36
CA LEU B 229 -20.21 -18.05 33.55
C LEU B 229 -18.70 -18.24 33.67
N GLY B 230 -17.99 -17.19 34.11
CA GLY B 230 -16.55 -17.29 34.39
C GLY B 230 -15.63 -17.08 33.20
N TYR B 231 -16.12 -16.46 32.14
CA TYR B 231 -15.25 -16.14 30.98
C TYR B 231 -15.20 -14.65 30.72
N PRO B 232 -14.06 -14.19 30.16
CA PRO B 232 -13.97 -12.81 29.77
C PRO B 232 -15.18 -12.41 28.91
N VAL B 233 -15.59 -11.16 29.03
CA VAL B 233 -16.71 -10.65 28.25
C VAL B 233 -16.29 -9.46 27.38
N LEU B 234 -16.74 -9.50 26.13
CA LEU B 234 -16.47 -8.41 25.17
C LEU B 234 -17.79 -7.77 24.82
N LEU B 235 -17.82 -6.45 24.88
CA LEU B 235 -18.98 -5.69 24.54
C LEU B 235 -18.85 -4.93 23.21
N GLY B 236 -19.84 -5.08 22.35
CA GLY B 236 -19.86 -4.34 21.10
C GLY B 236 -21.13 -3.56 20.82
N THR B 237 -21.10 -2.28 21.17
CA THR B 237 -22.28 -1.45 21.06
C THR B 237 -22.08 -0.26 20.15
N SER B 238 -20.87 -0.16 19.59
CA SER B 238 -20.42 1.05 18.91
C SER B 238 -21.34 1.50 17.78
N ARG B 239 -21.89 2.71 17.97
CA ARG B 239 -22.79 3.37 17.02
C ARG B 239 -24.01 2.53 16.57
N LYS B 240 -24.38 1.51 17.33
CA LYS B 240 -25.49 0.67 16.94
C LYS B 240 -26.84 1.40 16.99
N SER B 241 -27.78 0.83 16.25
CA SER B 241 -29.10 1.36 16.12
C SER B 241 -29.83 1.68 17.47
N PHE B 242 -29.68 0.86 18.49
CA PHE B 242 -30.41 1.14 19.74
C PHE B 242 -30.02 2.45 20.38
N ILE B 243 -28.82 2.88 20.11
CA ILE B 243 -28.34 4.17 20.60
C ILE B 243 -29.08 5.25 19.84
N GLY B 244 -29.22 5.02 18.53
CA GLY B 244 -30.00 5.94 17.69
C GLY B 244 -31.43 6.07 18.17
N HIS B 245 -32.01 4.94 18.56
CA HIS B 245 -33.41 4.92 18.86
C HIS B 245 -33.64 5.74 20.10
N VAL B 246 -32.67 5.73 21.00
CA VAL B 246 -32.81 6.40 22.29
C VAL B 246 -32.55 7.90 22.13
N LEU B 247 -31.50 8.24 21.40
CA LEU B 247 -31.06 9.61 21.33
C LEU B 247 -31.69 10.34 20.17
N ASP B 248 -32.32 9.59 19.27
CA ASP B 248 -32.84 10.10 18.00
C ASP B 248 -31.76 10.84 17.18
N LEU B 249 -30.72 10.11 16.84
CA LEU B 249 -29.58 10.65 16.17
C LEU B 249 -29.04 9.64 15.16
N PRO B 250 -28.53 10.14 14.02
CA PRO B 250 -27.95 9.26 12.97
C PRO B 250 -26.61 8.61 13.38
N VAL B 251 -26.21 7.56 12.68
CA VAL B 251 -24.97 6.82 12.93
C VAL B 251 -23.69 7.65 13.14
N GLU B 252 -23.65 8.88 12.67
CA GLU B 252 -22.41 9.67 12.80
C GLU B 252 -22.45 10.58 14.03
N GLU B 253 -23.61 10.65 14.68
CA GLU B 253 -23.76 11.46 15.88
C GLU B 253 -24.00 10.60 17.16
N ARG B 254 -23.34 9.43 17.21
CA ARG B 254 -23.53 8.47 18.31
C ARG B 254 -22.25 8.22 19.13
N LEU B 255 -21.36 9.19 19.17
CA LEU B 255 -20.13 9.01 19.89
C LEU B 255 -20.40 9.07 21.38
N GLU B 256 -21.19 10.06 21.82
CA GLU B 256 -21.52 10.17 23.24
C GLU B 256 -22.38 9.02 23.72
N GLY B 257 -23.41 8.68 22.95
CA GLY B 257 -24.20 7.50 23.21
C GLY B 257 -23.34 6.25 23.37
N THR B 258 -22.41 6.00 22.42
CA THR B 258 -21.48 4.85 22.52
C THR B 258 -20.70 4.89 23.83
N GLY B 259 -20.26 6.09 24.17
CA GLY B 259 -19.52 6.27 25.39
C GLY B 259 -20.29 5.84 26.62
N ALA B 260 -21.58 6.20 26.70
CA ALA B 260 -22.36 5.82 27.87
C ALA B 260 -22.37 4.29 27.99
N THR B 261 -22.63 3.61 26.89
CA THR B 261 -22.70 2.13 26.89
C THR B 261 -21.36 1.51 27.25
N VAL B 262 -20.27 2.09 26.76
CA VAL B 262 -18.94 1.62 27.12
C VAL B 262 -18.63 1.79 28.59
N CYS B 263 -18.98 2.93 29.16
CA CYS B 263 -18.74 3.15 30.55
C CYS B 263 -19.56 2.19 31.39
N LEU B 264 -20.84 2.02 31.03
CA LEU B 264 -21.69 1.15 31.83
C LEU B 264 -21.25 -0.29 31.72
N GLY B 265 -20.80 -0.68 30.53
CA GLY B 265 -20.32 -2.03 30.29
C GLY B 265 -19.08 -2.35 31.10
N ILE B 266 -18.22 -1.35 31.29
CA ILE B 266 -16.98 -1.59 32.03
C ILE B 266 -17.25 -1.66 33.50
N GLU B 267 -18.18 -0.83 33.96
CA GLU B 267 -18.57 -0.90 35.36
C GLU B 267 -19.21 -2.26 35.66
N LYS B 268 -19.73 -2.92 34.65
CA LYS B 268 -20.38 -4.18 34.82
C LYS B 268 -19.45 -5.35 34.58
N GLY B 269 -18.16 -5.09 34.40
CA GLY B 269 -17.16 -6.11 34.37
C GLY B 269 -16.68 -6.62 33.03
N CYS B 270 -16.90 -5.84 31.96
CA CYS B 270 -16.39 -6.25 30.64
C CYS B 270 -14.91 -6.14 30.60
N GLU B 271 -14.25 -7.07 29.91
CA GLU B 271 -12.81 -6.99 29.69
C GLU B 271 -12.41 -6.32 28.35
N PHE B 272 -13.28 -6.40 27.33
CA PHE B 272 -12.98 -5.81 26.02
C PHE B 272 -14.16 -4.99 25.57
N VAL B 273 -13.88 -3.96 24.74
CA VAL B 273 -14.99 -3.25 24.05
C VAL B 273 -14.59 -3.04 22.63
N ARG B 274 -15.55 -3.21 21.73
CA ARG B 274 -15.29 -3.17 20.29
C ARG B 274 -15.88 -1.91 19.75
N VAL B 275 -15.01 -0.99 19.35
CA VAL B 275 -15.43 0.37 19.09
C VAL B 275 -14.91 0.94 17.80
N HIS B 276 -15.64 1.91 17.24
CA HIS B 276 -15.15 2.65 16.08
C HIS B 276 -14.25 3.82 16.48
N ASP B 277 -14.63 4.52 17.54
CA ASP B 277 -13.91 5.75 17.90
C ASP B 277 -12.81 5.45 18.94
N VAL B 278 -11.70 4.90 18.46
CA VAL B 278 -10.69 4.39 19.36
C VAL B 278 -10.18 5.46 20.32
N LYS B 279 -9.82 6.63 19.83
CA LYS B 279 -9.22 7.65 20.68
C LYS B 279 -10.17 8.04 21.82
N GLU B 280 -11.38 8.44 21.47
CA GLU B 280 -12.33 8.87 22.48
C GLU B 280 -12.67 7.72 23.49
N MET B 281 -12.97 6.52 22.97
CA MET B 281 -13.39 5.40 23.82
C MET B 281 -12.27 4.99 24.74
N SER B 282 -11.06 5.01 24.21
CA SER B 282 -9.86 4.67 24.94
C SER B 282 -9.68 5.56 26.18
N ARG B 283 -9.81 6.86 26.02
CA ARG B 283 -9.80 7.78 27.16
C ARG B 283 -10.91 7.49 28.20
N MET B 284 -12.09 7.18 27.71
CA MET B 284 -13.17 6.89 28.62
C MET B 284 -12.88 5.59 29.38
N ALA B 285 -12.45 4.58 28.64
CA ALA B 285 -12.10 3.30 29.23
C ALA B 285 -11.03 3.50 30.30
N LYS B 286 -10.07 4.33 30.00
CA LYS B 286 -8.96 4.52 30.92
C LYS B 286 -9.40 5.24 32.18
N MET B 287 -10.38 6.12 32.05
CA MET B 287 -10.90 6.84 33.20
C MET B 287 -11.80 5.92 34.07
N MET B 288 -12.58 5.05 33.42
CA MET B 288 -13.43 4.09 34.16
C MET B 288 -12.54 3.15 34.97
N ASP B 289 -11.52 2.62 34.29
CA ASP B 289 -10.55 1.71 34.92
C ASP B 289 -9.99 2.29 36.17
N ALA B 290 -9.68 3.57 36.13
CA ALA B 290 -9.11 4.24 37.31
C ALA B 290 -10.14 4.40 38.41
N MET B 291 -11.38 4.80 38.07
CA MET B 291 -12.41 4.93 39.11
C MET B 291 -12.79 3.58 39.75
N ILE B 292 -12.87 2.52 38.95
CA ILE B 292 -13.28 1.24 39.50
C ILE B 292 -12.13 0.40 40.00
N GLY B 293 -10.94 1.00 40.12
CA GLY B 293 -9.80 0.33 40.71
C GLY B 293 -9.22 -0.87 39.96
N LYS B 294 -9.33 -0.85 38.64
CA LYS B 294 -8.80 -1.91 37.76
C LYS B 294 -7.35 -1.58 37.37
N GLY B 295 -6.38 -2.12 38.11
CA GLY B 295 -4.97 -1.88 37.84
C GLY B 295 -4.26 -1.14 38.96
N1 XHP C . 15.41 5.43 -21.14
C2 XHP C . 16.32 6.31 -21.41
N2 XHP C . 15.91 7.54 -21.62
N3 XHP C . 17.68 6.02 -21.43
C4 XHP C . 18.17 4.77 -21.20
O4 XHP C . 19.41 4.54 -21.23
N5 XHP C . 17.58 2.52 -20.60
C6 XHP C . 16.63 1.45 -20.33
C7 XHP C . 15.14 1.78 -20.35
N8 XHP C . 14.80 3.19 -20.62
C9 XHP C . 15.76 4.05 -20.85
C10 XHP C . 17.19 3.70 -20.88
C6A XHP C . 17.12 0.18 -20.06
S SO4 D . 16.57 -0.62 -16.73
O1 SO4 D . 15.41 0.16 -17.19
O2 SO4 D . 17.79 0.24 -16.75
O3 SO4 D . 16.33 -1.06 -15.34
O4 SO4 D . 16.75 -1.80 -17.65
S SO4 E . 6.74 10.31 3.70
O1 SO4 E . 6.15 9.25 2.82
O2 SO4 E . 8.06 9.92 4.22
O3 SO4 E . 6.85 11.59 2.96
O4 SO4 E . 5.84 10.52 4.83
S SO4 F . 24.09 12.13 1.94
O1 SO4 F . 22.71 12.37 1.51
O2 SO4 F . 24.66 13.34 2.53
O3 SO4 F . 24.13 11.00 2.89
O4 SO4 F . 24.86 11.74 0.76
S SO4 G . 24.34 -8.69 -18.79
O1 SO4 G . 22.91 -8.43 -19.03
O2 SO4 G . 24.92 -7.56 -18.04
O3 SO4 G . 24.48 -9.93 -17.98
O4 SO4 G . 25.08 -8.92 -20.05
S SO4 H . 18.40 -2.43 -6.23
O1 SO4 H . 18.15 -1.19 -7.00
O2 SO4 H . 19.57 -2.31 -5.31
O3 SO4 H . 17.20 -2.68 -5.44
O4 SO4 H . 18.57 -3.53 -7.20
S SO4 I . 37.86 7.92 -31.07
O1 SO4 I . 36.48 7.68 -31.52
O2 SO4 I . 38.72 8.15 -32.24
O3 SO4 I . 37.97 9.11 -30.22
O4 SO4 I . 38.35 6.74 -30.34
N1 XHP J . -18.65 -8.77 16.72
C2 XHP J . -18.76 -8.81 18.00
N2 XHP J . -18.00 -9.64 18.70
N3 XHP J . -19.64 -7.98 18.67
C4 XHP J . -20.44 -7.13 18.04
O4 XHP J . -21.21 -6.40 18.69
N5 XHP J . -21.13 -6.16 15.93
C6 XHP J . -21.07 -6.06 14.47
C7 XHP J . -20.15 -7.03 13.71
N8 XHP J . -19.35 -7.90 14.60
C9 XHP J . -19.47 -7.89 15.90
C10 XHP J . -20.38 -7.00 16.58
C6A XHP J . -21.86 -5.17 13.81
S SO4 K . -19.71 -2.77 12.44
O1 SO4 K . -21.07 -3.05 11.86
O2 SO4 K . -19.07 -1.63 11.76
O3 SO4 K . -19.77 -2.52 13.91
O4 SO4 K . -18.85 -3.96 12.23
S SO4 L . 4.68 3.33 11.28
O1 SO4 L . 3.57 2.80 10.46
O2 SO4 L . 5.61 3.97 10.33
O3 SO4 L . 4.33 4.33 12.30
O4 SO4 L . 5.34 2.19 11.97
S SO4 M . -4.39 10.69 24.05
O1 SO4 M . -5.81 10.33 23.93
O2 SO4 M . -4.10 11.85 23.17
O3 SO4 M . -4.03 11.02 25.44
O4 SO4 M . -3.59 9.52 23.61
S SO4 N . -29.65 2.88 12.04
O1 SO4 N . -29.05 2.77 13.37
O2 SO4 N . -29.79 1.53 11.48
O3 SO4 N . -30.95 3.55 12.19
O4 SO4 N . -28.73 3.65 11.18
S SO4 O . -34.67 -4.93 34.90
O1 SO4 O . -35.50 -5.56 35.94
O2 SO4 O . -34.44 -5.88 33.79
O3 SO4 O . -35.37 -3.75 34.38
O4 SO4 O . -33.42 -4.51 35.55
S SO4 P . -15.09 7.16 10.89
O1 SO4 P . -16.35 6.88 10.18
O2 SO4 P . -14.05 7.45 9.89
O3 SO4 P . -15.23 8.33 11.79
O4 SO4 P . -14.68 5.94 11.63
#